data_5UV1
#
_entry.id   5UV1
#
_cell.length_a   85.510
_cell.length_b   85.510
_cell.length_c   215.420
_cell.angle_alpha   90.000
_cell.angle_beta   90.000
_cell.angle_gamma   90.000
#
_symmetry.space_group_name_H-M   'P 41 21 2'
#
loop_
_entity.id
_entity.type
_entity.pdbx_description
1 polymer '(+)-limonene synthase'
2 non-polymer 'MANGANESE (II) ION'
3 non-polymer '(2Z)-2-fluoro-3,7-dimethylocta-2,6-dien-1-yl trihydrogen diphosphate'
4 water water
#
_entity_poly.entity_id   1
_entity_poly.type   'polypeptide(L)'
_entity_poly.pdbx_seq_one_letter_code
;MSSCINPSTLATSVNGFKCLPLATNRAAIRIMAKNKPVQCLVSTKYDNLTVDRRSANYQPSIWDHDFLQSLNSNYTDETY
KRRAEELKGKVKTAIKDVTEPLDQLELIDNLQRLGLAYHFEPEIRNILRNIHNHNKDYNWRKENLYATSLEFRLLRQHGY
PVSQEVFSGFKDDKVGFICDDFKGILSLHEASYYSLEGESIMEEAWQFTSKHLKEMMITSNSKEEDVFVAEQAKRALELP
LHWKAPMLEARWFIHVYEKREDKNHLLLELAKLEFNTLQAIYQEELKDISGWWKDTGLGEKLSFARNRLVASFLWSMGIA
FEPQFAYCRRVLTISIALITVIDDIYDVYGTLDELEIFTDAVARWDINYALKHLPGYMKMCFLALYNFVNEFAYYVLKQQ
DFDMLLSIKHAWLGLIQAYLVEAKWYHSKYTPKLEEYLENGLVSITGPLIITISYLSGTNPIIKKELEFLESNPDIVHWS
SKIFRLQDDLGTSSDEIQRGDVPKSIQCYMHETGASEEVAREHIKDMMRQMWKKVNAYTADKDSPLTRTTAEFLLNLVRM
SHFMYLHGDGHGVQNQETIDVGFTLLFQPIPLEDKDMAFTASPGTKG
;
_entity_poly.pdbx_strand_id   A
#
loop_
_chem_comp.id
_chem_comp.type
_chem_comp.name
_chem_comp.formula
0FV non-polymer '(2Z)-2-fluoro-3,7-dimethylocta-2,6-dien-1-yl trihydrogen diphosphate' 'C10 H19 F O7 P2'
MN non-polymer 'MANGANESE (II) ION' 'Mn 2'
#
# COMPACT_ATOMS: atom_id res chain seq x y z
N SER A 61 1.56 19.40 -10.84
CA SER A 61 2.47 19.17 -11.95
C SER A 61 3.58 20.22 -11.97
N ILE A 62 3.93 20.73 -10.79
CA ILE A 62 4.98 21.74 -10.68
C ILE A 62 6.37 21.12 -10.60
N TRP A 63 6.47 19.86 -10.18
CA TRP A 63 7.77 19.20 -10.01
C TRP A 63 8.18 18.54 -11.32
N ASP A 64 8.61 19.37 -12.26
CA ASP A 64 9.00 18.92 -13.59
C ASP A 64 10.43 18.37 -13.56
N HIS A 65 10.96 18.10 -14.76
CA HIS A 65 12.29 17.52 -14.86
C HIS A 65 13.36 18.46 -14.33
N ASP A 66 13.23 19.75 -14.60
CA ASP A 66 14.25 20.70 -14.17
C ASP A 66 14.28 20.83 -12.65
N PHE A 67 13.12 20.77 -12.00
CA PHE A 67 13.08 20.86 -10.54
C PHE A 67 13.77 19.65 -9.90
N LEU A 68 13.52 18.45 -10.42
CA LEU A 68 14.09 17.24 -9.83
C LEU A 68 15.61 17.21 -10.01
N GLN A 69 16.11 17.71 -11.13
CA GLN A 69 17.56 17.68 -11.37
C GLN A 69 18.28 18.69 -10.49
N SER A 70 17.59 19.74 -10.05
CA SER A 70 18.23 20.81 -9.30
C SER A 70 18.40 20.48 -7.82
N LEU A 71 17.69 19.48 -7.32
CA LEU A 71 17.76 19.14 -5.90
C LEU A 71 19.16 18.64 -5.53
N ASN A 72 19.62 19.05 -4.35
CA ASN A 72 20.94 18.64 -3.85
C ASN A 72 20.84 18.56 -2.32
N SER A 73 20.25 17.47 -1.84
CA SER A 73 20.10 17.27 -0.40
C SER A 73 21.45 17.00 0.25
N ASN A 74 21.58 17.43 1.51
CA ASN A 74 22.82 17.21 2.25
C ASN A 74 22.93 15.79 2.76
N TYR A 75 21.82 15.16 3.09
CA TYR A 75 21.78 13.88 3.79
C TYR A 75 22.25 12.70 2.95
N THR A 76 22.82 12.90 1.76
CA THR A 76 23.57 11.86 1.08
C THR A 76 25.05 11.85 1.45
N ASP A 77 25.47 12.72 2.36
CA ASP A 77 26.86 12.82 2.77
C ASP A 77 27.25 11.67 3.69
N GLU A 78 28.55 11.40 3.74
CA GLU A 78 29.07 10.26 4.49
C GLU A 78 29.04 10.50 5.99
N THR A 79 29.00 11.76 6.43
CA THR A 79 28.94 12.03 7.87
C THR A 79 27.60 11.61 8.44
N TYR A 80 26.52 11.77 7.68
CA TYR A 80 25.20 11.36 8.16
C TYR A 80 25.08 9.85 8.22
N LYS A 81 25.59 9.16 7.21
CA LYS A 81 25.59 7.70 7.22
C LYS A 81 26.38 7.16 8.40
N ARG A 82 27.45 7.84 8.80
CA ARG A 82 28.25 7.38 9.93
C ARG A 82 27.51 7.60 11.24
N ARG A 83 26.91 8.78 11.41
CA ARG A 83 26.12 9.04 12.62
C ARG A 83 24.90 8.13 12.71
N ALA A 84 24.41 7.62 11.58
CA ALA A 84 23.27 6.72 11.61
C ALA A 84 23.63 5.41 12.30
N GLU A 85 24.75 4.80 11.91
CA GLU A 85 25.17 3.56 12.53
C GLU A 85 25.56 3.80 13.99
N GLU A 86 26.15 4.96 14.28
CA GLU A 86 26.44 5.32 15.66
C GLU A 86 25.17 5.37 16.49
N LEU A 87 24.04 5.72 15.88
CA LEU A 87 22.78 5.74 16.60
C LEU A 87 22.16 4.34 16.66
N LYS A 88 22.28 3.57 15.57
CA LYS A 88 21.69 2.24 15.53
C LYS A 88 22.24 1.36 16.65
N GLY A 89 23.56 1.39 16.86
CA GLY A 89 24.14 0.56 17.91
C GLY A 89 23.69 0.97 19.30
N LYS A 90 23.72 2.28 19.57
CA LYS A 90 23.30 2.78 20.88
C LYS A 90 21.81 2.62 21.11
N VAL A 91 21.03 2.43 20.04
CA VAL A 91 19.61 2.13 20.21
C VAL A 91 19.40 0.64 20.47
N LYS A 92 20.20 -0.21 19.81
CA LYS A 92 20.08 -1.65 20.06
C LYS A 92 20.41 -2.01 21.49
N THR A 93 21.42 -1.33 22.08
CA THR A 93 21.76 -1.60 23.46
C THR A 93 20.66 -1.14 24.41
N ALA A 94 20.03 -0.01 24.08
CA ALA A 94 18.92 0.48 24.91
C ALA A 94 17.72 -0.44 24.82
N ILE A 95 17.55 -1.14 23.69
CA ILE A 95 16.45 -2.09 23.56
C ILE A 95 16.62 -3.23 24.56
N LYS A 96 17.87 -3.62 24.82
CA LYS A 96 18.14 -4.72 25.74
C LYS A 96 17.62 -4.43 27.15
N ASP A 97 17.62 -3.16 27.54
CA ASP A 97 17.19 -2.75 28.88
C ASP A 97 15.70 -2.50 29.00
N VAL A 98 14.91 -3.00 28.04
CA VAL A 98 13.47 -2.92 28.10
C VAL A 98 13.00 -4.34 28.38
N THR A 99 12.78 -4.63 29.66
CA THR A 99 12.44 -5.98 30.11
C THR A 99 10.94 -6.17 30.31
N GLU A 100 10.20 -5.11 30.60
CA GLU A 100 8.78 -5.21 30.85
C GLU A 100 8.03 -5.49 29.54
N PRO A 101 7.19 -6.52 29.49
CA PRO A 101 6.50 -6.86 28.23
C PRO A 101 5.66 -5.73 27.66
N LEU A 102 4.97 -4.96 28.50
CA LEU A 102 4.19 -3.84 27.98
C LEU A 102 5.10 -2.74 27.43
N ASP A 103 6.18 -2.43 28.14
CA ASP A 103 7.17 -1.49 27.60
C ASP A 103 7.79 -2.02 26.33
N GLN A 104 7.90 -3.34 26.19
CA GLN A 104 8.43 -3.92 24.96
C GLN A 104 7.44 -3.77 23.81
N LEU A 105 6.15 -3.99 24.08
CA LEU A 105 5.13 -3.80 23.06
C LEU A 105 5.07 -2.33 22.62
N GLU A 106 5.15 -1.41 23.58
CA GLU A 106 5.15 0.01 23.23
C GLU A 106 6.41 0.41 22.50
N LEU A 107 7.53 -0.28 22.77
CA LEU A 107 8.76 -0.03 22.01
C LEU A 107 8.59 -0.43 20.55
N ILE A 108 8.02 -1.61 20.31
CA ILE A 108 7.78 -2.05 18.94
C ILE A 108 6.81 -1.11 18.24
N ASP A 109 5.78 -0.67 18.96
CA ASP A 109 4.82 0.26 18.37
C ASP A 109 5.47 1.58 18.00
N ASN A 110 6.41 2.05 18.82
CA ASN A 110 7.12 3.28 18.49
C ASN A 110 8.06 3.07 17.32
N LEU A 111 8.78 1.94 17.31
CA LEU A 111 9.72 1.67 16.22
C LEU A 111 9.02 1.58 14.88
N GLN A 112 7.84 0.97 14.84
CA GLN A 112 7.13 0.80 13.58
C GLN A 112 6.55 2.12 13.08
N ARG A 113 5.99 2.93 13.98
CA ARG A 113 5.38 4.18 13.58
C ARG A 113 6.40 5.28 13.31
N LEU A 114 7.65 5.10 13.74
CA LEU A 114 8.73 6.03 13.42
C LEU A 114 9.41 5.71 12.09
N GLY A 115 9.09 4.58 11.47
CA GLY A 115 9.75 4.18 10.25
C GLY A 115 11.10 3.52 10.44
N LEU A 116 11.38 3.02 11.65
CA LEU A 116 12.66 2.40 11.96
C LEU A 116 12.57 0.89 12.14
N ALA A 117 11.42 0.28 11.88
CA ALA A 117 11.22 -1.13 12.21
C ALA A 117 12.14 -2.03 11.41
N TYR A 118 12.44 -1.68 10.16
CA TYR A 118 13.26 -2.54 9.33
C TYR A 118 14.74 -2.50 9.71
N HIS A 119 15.13 -1.59 10.61
CA HIS A 119 16.47 -1.58 11.16
C HIS A 119 16.63 -2.45 12.40
N PHE A 120 15.54 -2.98 12.94
CA PHE A 120 15.59 -3.77 14.15
C PHE A 120 14.67 -4.99 14.06
N GLU A 121 14.67 -5.66 12.90
CA GLU A 121 13.80 -6.81 12.71
C GLU A 121 14.13 -7.98 13.63
N PRO A 122 15.40 -8.38 13.83
CA PRO A 122 15.66 -9.46 14.80
C PRO A 122 15.30 -9.08 16.23
N GLU A 123 15.54 -7.83 16.61
CA GLU A 123 15.21 -7.41 17.98
C GLU A 123 13.70 -7.39 18.20
N ILE A 124 12.93 -6.99 17.18
CA ILE A 124 11.48 -7.05 17.28
C ILE A 124 11.01 -8.49 17.30
N ARG A 125 11.64 -9.34 16.47
CA ARG A 125 11.25 -10.75 16.43
C ARG A 125 11.51 -11.45 17.76
N ASN A 126 12.60 -11.06 18.44
CA ASN A 126 12.90 -11.65 19.74
C ASN A 126 11.84 -11.27 20.77
N ILE A 127 11.44 -9.99 20.79
CA ILE A 127 10.47 -9.53 21.77
C ILE A 127 9.13 -10.22 21.56
N LEU A 128 8.67 -10.30 20.31
CA LEU A 128 7.36 -10.86 20.04
C LEU A 128 7.33 -12.36 20.26
N ARG A 129 8.42 -13.06 19.92
CA ARG A 129 8.43 -14.50 20.10
C ARG A 129 8.47 -14.88 21.57
N ASN A 130 9.09 -14.04 22.41
CA ASN A 130 9.10 -14.29 23.85
C ASN A 130 7.75 -13.98 24.48
N ILE A 131 7.08 -12.92 24.02
CA ILE A 131 5.76 -12.59 24.52
C ILE A 131 4.75 -13.65 24.09
N HIS A 132 4.95 -14.26 22.92
CA HIS A 132 4.05 -15.32 22.49
C HIS A 132 4.25 -16.59 23.30
N ASN A 133 5.50 -16.85 23.74
CA ASN A 133 5.74 -18.01 24.60
C ASN A 133 5.17 -17.80 25.99
N HIS A 134 4.94 -16.55 26.40
CA HIS A 134 4.47 -16.24 27.74
C HIS A 134 2.98 -15.97 27.82
N ASN A 135 2.33 -15.56 26.72
CA ASN A 135 0.96 -15.06 26.83
C ASN A 135 -0.04 -16.13 27.24
N LYS A 136 0.35 -17.39 27.28
CA LYS A 136 -0.50 -18.44 27.82
C LYS A 136 -0.30 -18.66 29.31
N ASP A 137 0.51 -17.86 29.97
CA ASP A 137 0.73 -18.02 31.41
C ASP A 137 -0.54 -17.67 32.18
N TYR A 138 -0.57 -18.11 33.43
CA TYR A 138 -1.77 -17.98 34.25
C TYR A 138 -2.07 -16.52 34.58
N ASN A 139 -1.07 -15.79 35.05
CA ASN A 139 -1.23 -14.39 35.46
C ASN A 139 -0.90 -13.41 34.35
N TRP A 140 -0.57 -13.90 33.15
CA TRP A 140 -0.24 -12.99 32.05
C TRP A 140 -1.44 -12.14 31.66
N ARG A 141 -2.63 -12.73 31.60
CA ARG A 141 -3.82 -11.99 31.22
C ARG A 141 -4.18 -10.97 32.30
N LYS A 142 -4.34 -9.72 31.89
CA LYS A 142 -4.65 -8.62 32.80
C LYS A 142 -5.83 -7.84 32.25
N GLU A 143 -6.62 -7.25 33.15
CA GLU A 143 -7.84 -6.55 32.76
C GLU A 143 -7.51 -5.11 32.34
N ASN A 144 -6.73 -5.01 31.27
CA ASN A 144 -6.35 -3.74 30.66
C ASN A 144 -6.73 -3.80 29.19
N LEU A 145 -7.62 -2.90 28.76
CA LEU A 145 -8.05 -2.90 27.37
C LEU A 145 -6.93 -2.41 26.45
N TYR A 146 -6.18 -1.41 26.88
CA TYR A 146 -5.09 -0.89 26.06
C TYR A 146 -3.99 -1.93 25.87
N ALA A 147 -3.55 -2.56 26.96
CA ALA A 147 -2.45 -3.52 26.87
C ALA A 147 -2.88 -4.76 26.10
N THR A 148 -4.11 -5.24 26.31
CA THR A 148 -4.58 -6.42 25.59
C THR A 148 -4.75 -6.12 24.11
N SER A 149 -5.24 -4.93 23.76
CA SER A 149 -5.43 -4.60 22.36
C SER A 149 -4.09 -4.40 21.66
N LEU A 150 -3.11 -3.81 22.35
CA LEU A 150 -1.80 -3.59 21.74
C LEU A 150 -1.08 -4.91 21.48
N GLU A 151 -1.14 -5.84 22.42
CA GLU A 151 -0.54 -7.15 22.22
C GLU A 151 -1.24 -7.91 21.10
N PHE A 152 -2.58 -7.84 21.08
CA PHE A 152 -3.33 -8.51 20.04
C PHE A 152 -2.97 -8.01 18.65
N ARG A 153 -2.78 -6.69 18.51
CA ARG A 153 -2.48 -6.11 17.21
C ARG A 153 -1.09 -6.50 16.73
N LEU A 154 -0.10 -6.36 17.61
CA LEU A 154 1.29 -6.61 17.20
C LEU A 154 1.52 -8.07 16.86
N LEU A 155 0.95 -8.99 17.65
CA LEU A 155 1.16 -10.41 17.39
C LEU A 155 0.46 -10.84 16.11
N ARG A 156 -0.76 -10.35 15.86
CA ARG A 156 -1.45 -10.67 14.63
C ARG A 156 -0.78 -10.03 13.42
N GLN A 157 -0.17 -8.86 13.61
CA GLN A 157 0.52 -8.20 12.50
C GLN A 157 1.69 -9.05 12.00
N HIS A 158 2.42 -9.67 12.93
CA HIS A 158 3.61 -10.44 12.61
C HIS A 158 3.33 -11.93 12.48
N GLY A 159 2.07 -12.31 12.33
CA GLY A 159 1.72 -13.70 12.06
C GLY A 159 1.58 -14.59 13.26
N TYR A 160 1.59 -14.05 14.48
CA TYR A 160 1.44 -14.98 15.60
C TYR A 160 -0.04 -15.20 15.89
N PRO A 161 -0.43 -16.44 16.23
CA PRO A 161 -1.84 -16.74 16.48
C PRO A 161 -2.31 -16.20 17.82
N VAL A 162 -3.34 -15.36 17.79
CA VAL A 162 -3.99 -14.85 18.99
C VAL A 162 -5.50 -14.99 18.79
N SER A 163 -6.19 -15.44 19.85
CA SER A 163 -7.62 -15.62 19.78
C SER A 163 -8.35 -14.31 20.11
N GLN A 164 -9.52 -14.16 19.50
CA GLN A 164 -10.40 -13.03 19.83
C GLN A 164 -10.94 -13.14 21.25
N GLU A 165 -10.84 -14.31 21.88
CA GLU A 165 -11.34 -14.50 23.23
C GLU A 165 -10.56 -13.72 24.27
N VAL A 166 -9.43 -13.11 23.92
CA VAL A 166 -8.70 -12.27 24.85
C VAL A 166 -9.45 -10.99 25.18
N PHE A 167 -10.53 -10.70 24.45
CA PHE A 167 -11.35 -9.52 24.69
C PHE A 167 -12.66 -9.82 25.40
N SER A 168 -13.01 -11.10 25.56
CA SER A 168 -14.32 -11.45 26.12
C SER A 168 -14.49 -10.95 27.55
N GLY A 169 -13.38 -10.70 28.26
CA GLY A 169 -13.48 -10.16 29.60
C GLY A 169 -13.99 -8.74 29.66
N PHE A 170 -13.86 -8.00 28.56
CA PHE A 170 -14.33 -6.62 28.47
C PHE A 170 -15.73 -6.52 27.88
N LYS A 171 -16.34 -7.64 27.50
CA LYS A 171 -17.61 -7.63 26.78
C LYS A 171 -18.65 -8.40 27.57
N ASP A 172 -19.71 -7.71 27.97
CA ASP A 172 -20.86 -8.36 28.58
C ASP A 172 -21.79 -8.89 27.48
N ASP A 173 -22.32 -10.09 27.69
CA ASP A 173 -23.10 -10.75 26.65
C ASP A 173 -24.33 -9.94 26.26
N LYS A 174 -24.89 -9.19 27.20
CA LYS A 174 -26.15 -8.49 26.97
C LYS A 174 -25.95 -7.05 26.53
N VAL A 175 -25.02 -6.33 27.16
CA VAL A 175 -24.84 -4.91 26.88
C VAL A 175 -23.69 -4.63 25.91
N GLY A 176 -22.77 -5.57 25.73
CA GLY A 176 -21.65 -5.38 24.83
C GLY A 176 -20.38 -5.00 25.55
N PHE A 177 -19.59 -4.12 24.95
CA PHE A 177 -18.33 -3.70 25.55
C PHE A 177 -18.55 -2.63 26.60
N ILE A 178 -17.84 -2.77 27.71
CA ILE A 178 -17.91 -1.83 28.83
C ILE A 178 -16.54 -1.15 28.92
N CYS A 179 -16.45 0.09 28.44
CA CYS A 179 -15.22 0.85 28.58
C CYS A 179 -15.50 2.31 28.29
N ASP A 180 -14.80 3.18 29.03
CA ASP A 180 -14.81 4.61 28.76
C ASP A 180 -13.41 5.19 28.62
N ASP A 181 -12.37 4.40 28.86
CA ASP A 181 -10.99 4.86 28.71
C ASP A 181 -10.66 5.04 27.24
N PHE A 182 -10.35 6.26 26.84
CA PHE A 182 -10.09 6.55 25.43
C PHE A 182 -8.86 5.81 24.92
N LYS A 183 -7.84 5.68 25.76
CA LYS A 183 -6.61 5.02 25.34
C LYS A 183 -6.86 3.55 25.01
N GLY A 184 -7.72 2.89 25.78
CA GLY A 184 -8.04 1.51 25.49
C GLY A 184 -8.96 1.36 24.29
N ILE A 185 -9.93 2.28 24.16
CA ILE A 185 -10.84 2.24 23.02
C ILE A 185 -10.09 2.49 21.73
N LEU A 186 -9.14 3.44 21.74
CA LEU A 186 -8.36 3.71 20.55
C LEU A 186 -7.50 2.51 20.16
N SER A 187 -6.90 1.85 21.15
CA SER A 187 -6.08 0.67 20.87
C SER A 187 -6.94 -0.49 20.40
N LEU A 188 -8.13 -0.65 20.99
CA LEU A 188 -9.04 -1.69 20.53
C LEU A 188 -9.54 -1.43 19.13
N HIS A 189 -9.71 -0.16 18.76
CA HIS A 189 -10.15 0.17 17.40
C HIS A 189 -9.11 -0.27 16.37
N GLU A 190 -7.83 -0.02 16.67
CA GLU A 190 -6.78 -0.43 15.75
C GLU A 190 -6.65 -1.95 15.70
N ALA A 191 -6.92 -2.63 16.80
CA ALA A 191 -6.83 -4.08 16.82
C ALA A 191 -7.97 -4.72 16.04
N SER A 192 -9.11 -4.03 15.92
CA SER A 192 -10.25 -4.61 15.24
C SER A 192 -10.01 -4.80 13.74
N TYR A 193 -9.09 -4.05 13.15
CA TYR A 193 -8.81 -4.19 11.72
C TYR A 193 -7.93 -5.40 11.42
N TYR A 194 -7.42 -6.09 12.43
CA TYR A 194 -6.76 -7.37 12.26
C TYR A 194 -7.72 -8.55 12.45
N SER A 195 -9.03 -8.27 12.40
CA SER A 195 -10.04 -9.31 12.58
C SER A 195 -9.99 -10.31 11.43
N LEU A 196 -10.54 -11.49 11.68
CA LEU A 196 -10.73 -12.51 10.67
C LEU A 196 -12.21 -12.61 10.33
N GLU A 197 -12.52 -13.34 9.27
CA GLU A 197 -13.90 -13.52 8.86
C GLU A 197 -14.63 -14.39 9.87
N GLY A 198 -15.69 -13.86 10.46
CA GLY A 198 -16.47 -14.62 11.41
C GLY A 198 -16.08 -14.46 12.86
N GLU A 199 -15.19 -13.53 13.17
CA GLU A 199 -14.81 -13.25 14.56
C GLU A 199 -15.79 -12.20 15.10
N SER A 200 -16.90 -12.67 15.66
CA SER A 200 -17.99 -11.77 16.02
C SER A 200 -17.59 -10.81 17.13
N ILE A 201 -16.67 -11.21 18.01
CA ILE A 201 -16.20 -10.30 19.04
C ILE A 201 -15.46 -9.13 18.42
N MET A 202 -14.59 -9.42 17.45
CA MET A 202 -13.83 -8.35 16.80
C MET A 202 -14.74 -7.44 15.98
N GLU A 203 -15.76 -8.02 15.34
CA GLU A 203 -16.71 -7.19 14.60
C GLU A 203 -17.53 -6.33 15.56
N GLU A 204 -17.96 -6.90 16.68
CA GLU A 204 -18.65 -6.12 17.69
C GLU A 204 -17.72 -5.07 18.30
N ALA A 205 -16.42 -5.39 18.40
CA ALA A 205 -15.46 -4.42 18.91
C ALA A 205 -15.35 -3.23 17.98
N TRP A 206 -15.35 -3.46 16.66
CA TRP A 206 -15.28 -2.35 15.72
C TRP A 206 -16.52 -1.47 15.81
N GLN A 207 -17.70 -2.08 15.90
CA GLN A 207 -18.94 -1.31 16.00
C GLN A 207 -18.93 -0.44 17.26
N PHE A 208 -18.43 -0.97 18.37
CA PHE A 208 -18.40 -0.22 19.61
C PHE A 208 -17.38 0.92 19.54
N THR A 209 -16.17 0.62 19.09
CA THR A 209 -15.12 1.64 19.06
C THR A 209 -15.41 2.71 18.00
N SER A 210 -15.99 2.30 16.86
CA SER A 210 -16.27 3.27 15.80
C SER A 210 -17.31 4.27 16.26
N LYS A 211 -18.41 3.79 16.85
CA LYS A 211 -19.43 4.69 17.37
C LYS A 211 -18.85 5.64 18.42
N HIS A 212 -18.08 5.09 19.36
CA HIS A 212 -17.51 5.91 20.42
C HIS A 212 -16.55 6.95 19.88
N LEU A 213 -15.79 6.62 18.84
CA LEU A 213 -14.83 7.56 18.28
C LEU A 213 -15.49 8.64 17.44
N LYS A 214 -16.62 8.34 16.80
CA LYS A 214 -17.36 9.38 16.09
C LYS A 214 -17.98 10.36 17.07
N GLU A 215 -18.35 9.90 18.27
CA GLU A 215 -18.90 10.79 19.29
C GLU A 215 -17.83 11.72 19.87
N MET A 216 -16.56 11.45 19.61
CA MET A 216 -15.47 12.31 20.08
C MET A 216 -15.43 13.65 19.34
N MET A 217 -16.31 13.85 18.37
CA MET A 217 -16.40 15.10 17.62
C MET A 217 -17.86 15.49 17.44
N ILE A 218 -18.59 15.59 18.54
CA ILE A 218 -19.99 15.99 18.50
C ILE A 218 -20.11 17.44 18.06
N ASP A 226 -7.14 16.32 25.42
CA ASP A 226 -8.04 17.43 25.15
C ASP A 226 -8.18 17.66 23.64
N VAL A 227 -7.33 18.54 23.11
CA VAL A 227 -7.32 18.77 21.66
C VAL A 227 -6.59 17.66 20.94
N PHE A 228 -5.61 17.01 21.60
CA PHE A 228 -4.90 15.91 20.97
C PHE A 228 -5.76 14.65 20.91
N VAL A 229 -6.73 14.53 21.81
CA VAL A 229 -7.61 13.37 21.80
C VAL A 229 -8.47 13.37 20.54
N ALA A 230 -9.05 14.53 20.21
CA ALA A 230 -9.91 14.61 19.03
C ALA A 230 -9.14 14.35 17.75
N GLU A 231 -7.86 14.72 17.69
CA GLU A 231 -7.07 14.45 16.51
C GLU A 231 -6.77 12.97 16.37
N GLN A 232 -6.39 12.31 17.47
CA GLN A 232 -6.16 10.87 17.44
C GLN A 232 -7.42 10.13 17.02
N ALA A 233 -8.59 10.60 17.46
CA ALA A 233 -9.83 9.97 17.07
C ALA A 233 -10.11 10.15 15.58
N LYS A 234 -9.81 11.34 15.05
CA LYS A 234 -10.06 11.59 13.63
C LYS A 234 -9.11 10.78 12.76
N ARG A 235 -7.84 10.69 13.14
CA ARG A 235 -6.87 9.98 12.32
C ARG A 235 -7.15 8.48 12.30
N ALA A 236 -7.60 7.92 13.42
CA ALA A 236 -7.90 6.49 13.47
C ALA A 236 -9.14 6.16 12.65
N LEU A 237 -10.08 7.10 12.54
CA LEU A 237 -11.29 6.85 11.76
C LEU A 237 -11.04 6.99 10.26
N GLU A 238 -10.18 7.92 9.86
CA GLU A 238 -9.92 8.12 8.43
C GLU A 238 -8.92 7.11 7.89
N LEU A 239 -8.02 6.61 8.74
CA LEU A 239 -7.00 5.67 8.28
C LEU A 239 -6.44 4.89 9.47
N PRO A 240 -6.87 3.65 9.68
CA PRO A 240 -6.30 2.85 10.77
C PRO A 240 -4.87 2.45 10.46
N LEU A 241 -4.17 2.01 11.52
CA LEU A 241 -2.77 1.65 11.38
C LEU A 241 -2.56 0.51 10.40
N HIS A 242 -3.51 -0.43 10.36
CA HIS A 242 -3.38 -1.58 9.47
C HIS A 242 -3.47 -1.20 8.01
N TRP A 243 -3.94 0.00 7.70
CA TRP A 243 -4.15 0.44 6.33
C TRP A 243 -3.14 1.50 5.90
N LYS A 244 -2.10 1.75 6.69
CA LYS A 244 -1.05 2.70 6.36
C LYS A 244 0.22 1.96 5.96
N ALA A 245 0.87 2.46 4.92
CA ALA A 245 2.24 2.05 4.65
C ALA A 245 3.15 2.65 5.73
N PRO A 246 4.33 2.05 5.96
CA PRO A 246 5.16 2.50 7.10
C PRO A 246 5.60 3.95 7.04
N MET A 247 6.16 4.40 5.91
CA MET A 247 6.75 5.74 5.88
C MET A 247 5.72 6.84 5.77
N LEU A 248 4.47 6.51 5.44
CA LEU A 248 3.45 7.54 5.29
C LEU A 248 3.20 8.27 6.60
N GLU A 249 3.07 7.54 7.70
CA GLU A 249 2.80 8.12 9.00
C GLU A 249 4.08 8.48 9.75
N ALA A 250 5.24 8.39 9.12
CA ALA A 250 6.50 8.61 9.82
C ALA A 250 6.62 10.06 10.28
N ARG A 251 6.41 11.01 9.38
CA ARG A 251 6.62 12.42 9.73
C ARG A 251 5.69 12.87 10.84
N TRP A 252 4.41 12.51 10.74
CA TRP A 252 3.45 12.94 11.75
C TRP A 252 3.78 12.35 13.12
N PHE A 253 4.18 11.08 13.16
CA PHE A 253 4.45 10.44 14.44
C PHE A 253 5.76 10.89 15.05
N ILE A 254 6.72 11.33 14.24
CA ILE A 254 7.98 11.84 14.77
C ILE A 254 7.73 13.08 15.61
N HIS A 255 6.83 13.95 15.15
CA HIS A 255 6.47 15.13 15.93
C HIS A 255 5.74 14.73 17.21
N VAL A 256 4.84 13.75 17.13
CA VAL A 256 4.12 13.31 18.32
C VAL A 256 5.09 12.70 19.33
N TYR A 257 6.07 11.95 18.85
CA TYR A 257 7.05 11.34 19.74
C TYR A 257 7.97 12.37 20.36
N GLU A 258 8.26 13.46 19.63
CA GLU A 258 9.16 14.48 20.15
C GLU A 258 8.55 15.22 21.33
N LYS A 259 7.24 15.44 21.29
CA LYS A 259 6.58 16.19 22.37
C LYS A 259 6.34 15.35 23.61
N ARG A 260 6.66 14.06 23.60
CA ARG A 260 6.45 13.21 24.75
C ARG A 260 7.52 13.43 25.81
N GLU A 261 7.15 13.18 27.07
CA GLU A 261 8.12 13.29 28.15
C GLU A 261 9.07 12.09 28.14
N ASP A 262 8.52 10.88 28.14
CA ASP A 262 9.28 9.64 28.19
C ASP A 262 10.00 9.33 26.89
N LYS A 263 10.11 10.27 25.95
CA LYS A 263 10.71 9.98 24.67
C LYS A 263 12.18 9.60 24.83
N ASN A 264 12.62 8.62 24.03
CA ASN A 264 14.03 8.29 23.95
C ASN A 264 14.68 9.22 22.94
N HIS A 265 15.65 10.03 23.39
CA HIS A 265 16.21 11.07 22.54
C HIS A 265 17.04 10.48 21.41
N LEU A 266 17.75 9.37 21.64
CA LEU A 266 18.51 8.76 20.57
C LEU A 266 17.59 8.09 19.55
N LEU A 267 16.45 7.58 19.99
CA LEU A 267 15.51 6.98 19.05
C LEU A 267 14.86 8.05 18.18
N LEU A 268 14.58 9.22 18.75
CA LEU A 268 14.00 10.31 17.98
C LEU A 268 14.97 10.85 16.94
N GLU A 269 16.24 11.04 17.33
CA GLU A 269 17.24 11.52 16.39
C GLU A 269 17.46 10.52 15.28
N LEU A 270 17.42 9.23 15.59
CA LEU A 270 17.58 8.21 14.55
C LEU A 270 16.41 8.24 13.57
N ALA A 271 15.20 8.50 14.06
CA ALA A 271 14.04 8.56 13.18
C ALA A 271 14.12 9.76 12.24
N LYS A 272 14.59 10.90 12.75
CA LYS A 272 14.74 12.08 11.90
C LYS A 272 15.88 11.88 10.89
N LEU A 273 16.99 11.27 11.33
CA LEU A 273 18.12 11.09 10.45
C LEU A 273 17.83 10.08 9.35
N GLU A 274 17.09 9.02 9.68
CA GLU A 274 16.76 8.01 8.67
C GLU A 274 15.69 8.51 7.70
N PHE A 275 14.79 9.38 8.16
CA PHE A 275 13.77 9.93 7.28
C PHE A 275 14.39 10.83 6.22
N ASN A 276 15.31 11.71 6.63
CA ASN A 276 15.94 12.62 5.68
C ASN A 276 16.86 11.89 4.72
N THR A 277 17.49 10.81 5.19
CA THR A 277 18.32 10.00 4.29
C THR A 277 17.46 9.31 3.24
N LEU A 278 16.25 8.87 3.64
CA LEU A 278 15.36 8.20 2.71
C LEU A 278 14.90 9.16 1.62
N GLN A 279 14.60 10.41 1.99
CA GLN A 279 14.24 11.41 0.99
C GLN A 279 15.37 11.63 0.00
N ALA A 280 16.61 11.73 0.50
CA ALA A 280 17.75 11.97 -0.39
C ALA A 280 17.94 10.80 -1.35
N ILE A 281 17.69 9.58 -0.89
CA ILE A 281 17.79 8.41 -1.76
C ILE A 281 16.71 8.47 -2.85
N TYR A 282 15.49 8.84 -2.47
CA TYR A 282 14.41 8.93 -3.45
C TYR A 282 14.66 10.03 -4.46
N GLN A 283 15.21 11.16 -4.01
CA GLN A 283 15.46 12.27 -4.92
C GLN A 283 16.49 11.89 -5.98
N GLU A 284 17.52 11.13 -5.60
CA GLU A 284 18.49 10.67 -6.58
C GLU A 284 17.87 9.68 -7.56
N GLU A 285 16.98 8.82 -7.07
CA GLU A 285 16.26 7.92 -7.96
C GLU A 285 15.35 8.69 -8.90
N LEU A 286 14.70 9.74 -8.40
CA LEU A 286 13.79 10.53 -9.23
C LEU A 286 14.54 11.23 -10.35
N LYS A 287 15.77 11.69 -10.08
CA LYS A 287 16.57 12.30 -11.15
C LYS A 287 16.77 11.34 -12.30
N ASP A 288 17.08 10.07 -12.00
CA ASP A 288 17.31 9.09 -13.06
C ASP A 288 16.00 8.73 -13.75
N ILE A 289 14.92 8.56 -12.99
CA ILE A 289 13.63 8.23 -13.60
C ILE A 289 13.12 9.41 -14.43
N SER A 290 13.36 10.63 -13.97
CA SER A 290 12.90 11.80 -14.71
C SER A 290 13.59 11.89 -16.07
N GLY A 291 14.89 11.59 -16.12
CA GLY A 291 15.60 11.62 -17.38
C GLY A 291 15.07 10.59 -18.37
N TRP A 292 14.75 9.40 -17.87
CA TRP A 292 14.20 8.36 -18.74
C TRP A 292 12.86 8.79 -19.32
N TRP A 293 12.00 9.38 -18.49
CA TRP A 293 10.69 9.81 -18.97
C TRP A 293 10.81 10.92 -20.00
N LYS A 294 11.74 11.85 -19.79
CA LYS A 294 11.97 12.92 -20.74
C LYS A 294 12.49 12.37 -22.07
N ASP A 295 13.25 11.29 -22.03
CA ASP A 295 13.82 10.74 -23.26
C ASP A 295 12.76 10.11 -24.15
N THR A 296 11.77 9.42 -23.54
CA THR A 296 10.72 8.80 -24.34
C THR A 296 9.83 9.83 -25.02
N GLY A 297 9.75 11.05 -24.47
CA GLY A 297 9.02 12.11 -25.13
C GLY A 297 7.54 11.89 -25.28
N LEU A 298 6.94 11.05 -24.43
CA LEU A 298 5.50 10.83 -24.54
C LEU A 298 4.72 12.09 -24.18
N GLY A 299 5.22 12.86 -23.21
CA GLY A 299 4.58 14.11 -22.83
C GLY A 299 4.53 15.14 -23.94
N GLU A 300 5.46 15.06 -24.90
CA GLU A 300 5.45 15.99 -26.03
C GLU A 300 4.61 15.47 -27.18
N LYS A 301 4.45 14.16 -27.31
CA LYS A 301 3.68 13.61 -28.41
C LYS A 301 2.18 13.64 -28.11
N LEU A 302 1.81 13.28 -26.88
CA LEU A 302 0.42 13.27 -26.45
C LEU A 302 0.21 14.41 -25.47
N SER A 303 -0.60 15.40 -25.86
CA SER A 303 -0.88 16.53 -24.98
C SER A 303 -1.63 16.14 -23.73
N PHE A 304 -2.21 14.94 -23.68
CA PHE A 304 -2.84 14.43 -22.46
C PHE A 304 -1.89 13.62 -21.59
N ALA A 305 -0.69 13.31 -22.09
CA ALA A 305 0.31 12.59 -21.31
C ALA A 305 1.01 13.55 -20.36
N ARG A 306 0.23 14.23 -19.52
CA ARG A 306 0.80 15.17 -18.56
C ARG A 306 1.74 14.44 -17.61
N ASN A 307 2.77 15.17 -17.17
CA ASN A 307 3.78 14.58 -16.29
C ASN A 307 3.17 14.17 -14.95
N ARG A 308 2.93 12.85 -14.79
CA ARG A 308 2.48 12.27 -13.55
C ARG A 308 3.57 11.42 -12.90
N LEU A 309 4.83 11.85 -13.03
CA LEU A 309 5.94 11.01 -12.63
C LEU A 309 6.11 10.99 -11.12
N VAL A 310 6.08 12.16 -10.48
CA VAL A 310 6.23 12.22 -9.03
C VAL A 310 5.05 11.52 -8.36
N ALA A 311 3.86 11.67 -8.92
CA ALA A 311 2.69 10.96 -8.38
C ALA A 311 2.87 9.45 -8.53
N SER A 312 3.44 9.01 -9.65
CA SER A 312 3.69 7.59 -9.85
C SER A 312 4.76 7.07 -8.89
N PHE A 313 5.83 7.85 -8.70
CA PHE A 313 6.88 7.46 -7.76
C PHE A 313 6.33 7.38 -6.34
N LEU A 314 5.34 8.21 -6.02
CA LEU A 314 4.74 8.19 -4.68
C LEU A 314 4.10 6.83 -4.42
N TRP A 315 3.43 6.26 -5.42
CA TRP A 315 2.86 4.92 -5.28
C TRP A 315 3.95 3.87 -5.10
N SER A 316 4.98 3.93 -5.94
CA SER A 316 6.06 2.95 -5.86
C SER A 316 6.78 3.03 -4.53
N MET A 317 6.96 4.24 -3.99
CA MET A 317 7.55 4.39 -2.67
C MET A 317 6.70 3.71 -1.61
N GLY A 318 5.38 3.83 -1.70
CA GLY A 318 4.51 3.19 -0.73
C GLY A 318 4.49 1.68 -0.86
N ILE A 319 4.71 1.17 -2.08
CA ILE A 319 4.74 -0.27 -2.29
C ILE A 319 6.02 -0.87 -1.71
N ALA A 320 7.15 -0.22 -1.94
CA ALA A 320 8.43 -0.70 -1.43
C ALA A 320 9.29 0.52 -1.10
N PHE A 321 9.43 0.82 0.19
CA PHE A 321 10.14 2.02 0.62
C PHE A 321 11.61 1.79 0.89
N GLU A 322 12.01 0.56 1.21
CA GLU A 322 13.37 0.32 1.68
C GLU A 322 14.38 0.64 0.58
N PRO A 323 15.57 1.11 0.96
CA PRO A 323 16.57 1.50 -0.05
C PRO A 323 16.99 0.37 -0.97
N GLN A 324 16.85 -0.89 -0.54
CA GLN A 324 17.27 -2.01 -1.37
C GLN A 324 16.37 -2.21 -2.58
N PHE A 325 15.15 -1.68 -2.54
CA PHE A 325 14.20 -1.82 -3.64
C PHE A 325 14.25 -0.66 -4.63
N ALA A 326 15.45 -0.13 -4.90
CA ALA A 326 15.57 1.00 -5.83
C ALA A 326 15.11 0.61 -7.22
N TYR A 327 15.54 -0.56 -7.71
CA TYR A 327 15.11 -1.00 -9.02
C TYR A 327 13.62 -1.33 -9.04
N CYS A 328 13.10 -1.84 -7.94
CA CYS A 328 11.67 -2.11 -7.85
C CYS A 328 10.86 -0.83 -8.00
N ARG A 329 11.29 0.25 -7.33
CA ARG A 329 10.60 1.52 -7.44
C ARG A 329 10.72 2.10 -8.84
N ARG A 330 11.88 1.93 -9.48
CA ARG A 330 12.07 2.47 -10.82
C ARG A 330 11.13 1.80 -11.81
N VAL A 331 11.01 0.48 -11.76
CA VAL A 331 10.14 -0.23 -12.67
C VAL A 331 8.67 0.07 -12.35
N LEU A 332 8.34 0.16 -11.06
CA LEU A 332 6.97 0.48 -10.67
C LEU A 332 6.59 1.89 -11.12
N THR A 333 7.50 2.86 -10.93
CA THR A 333 7.20 4.23 -11.31
C THR A 333 6.94 4.35 -12.81
N ILE A 334 7.80 3.75 -13.62
CA ILE A 334 7.65 3.84 -15.07
C ILE A 334 6.40 3.09 -15.52
N SER A 335 6.13 1.93 -14.91
CA SER A 335 4.94 1.17 -15.27
C SER A 335 3.67 1.95 -14.96
N ILE A 336 3.59 2.53 -13.76
CA ILE A 336 2.42 3.31 -13.38
C ILE A 336 2.25 4.51 -14.30
N ALA A 337 3.37 5.13 -14.69
CA ALA A 337 3.30 6.24 -15.64
C ALA A 337 2.76 5.78 -17.00
N LEU A 338 3.16 4.58 -17.43
CA LEU A 338 2.66 4.05 -18.69
C LEU A 338 1.20 3.63 -18.57
N ILE A 339 0.82 3.05 -17.43
CA ILE A 339 -0.57 2.68 -17.19
C ILE A 339 -1.47 3.91 -17.26
N THR A 340 -1.01 5.01 -16.66
CA THR A 340 -1.81 6.24 -16.68
C THR A 340 -2.06 6.71 -18.11
N VAL A 341 -1.03 6.66 -18.96
CA VAL A 341 -1.20 7.08 -20.34
C VAL A 341 -2.12 6.12 -21.09
N ILE A 342 -1.93 4.81 -20.89
CA ILE A 342 -2.74 3.83 -21.61
C ILE A 342 -4.19 3.87 -21.14
N ASP A 343 -4.40 4.08 -19.84
CA ASP A 343 -5.77 4.15 -19.31
C ASP A 343 -6.52 5.33 -19.91
N ASP A 344 -5.84 6.47 -20.06
CA ASP A 344 -6.48 7.63 -20.68
C ASP A 344 -6.83 7.34 -22.14
N ILE A 345 -6.07 6.47 -22.81
CA ILE A 345 -6.41 6.14 -24.18
C ILE A 345 -7.65 5.25 -24.24
N TYR A 346 -7.85 4.39 -23.24
CA TYR A 346 -8.92 3.40 -23.34
C TYR A 346 -10.28 3.91 -22.90
N ASP A 347 -10.31 4.93 -22.03
CA ASP A 347 -11.59 5.45 -21.56
C ASP A 347 -11.77 6.94 -21.87
N VAL A 348 -10.95 7.51 -22.76
CA VAL A 348 -11.16 8.89 -23.20
C VAL A 348 -10.94 9.03 -24.69
N TYR A 349 -9.70 8.84 -25.15
CA TYR A 349 -9.30 9.31 -26.47
C TYR A 349 -9.43 8.25 -27.57
N GLY A 350 -9.29 6.98 -27.25
CA GLY A 350 -9.33 5.96 -28.27
C GLY A 350 -10.74 5.57 -28.69
N THR A 351 -10.88 5.25 -29.97
CA THR A 351 -12.12 4.68 -30.49
C THR A 351 -12.09 3.16 -30.32
N LEU A 352 -13.28 2.56 -30.38
CA LEU A 352 -13.39 1.13 -30.09
C LEU A 352 -12.56 0.30 -31.05
N ASP A 353 -12.46 0.72 -32.31
CA ASP A 353 -11.64 0.00 -33.28
C ASP A 353 -10.15 0.18 -32.98
N GLU A 354 -9.75 1.39 -32.60
CA GLU A 354 -8.36 1.63 -32.24
C GLU A 354 -7.96 0.80 -31.02
N LEU A 355 -8.85 0.71 -30.04
CA LEU A 355 -8.54 -0.03 -28.82
C LEU A 355 -8.46 -1.54 -29.09
N GLU A 356 -9.24 -2.03 -30.05
CA GLU A 356 -9.16 -3.43 -30.41
C GLU A 356 -7.84 -3.76 -31.07
N ILE A 357 -7.32 -2.84 -31.90
CA ILE A 357 -6.03 -3.04 -32.55
C ILE A 357 -4.91 -3.01 -31.50
N PHE A 358 -4.96 -2.02 -30.61
CA PHE A 358 -3.93 -1.92 -29.57
C PHE A 358 -3.93 -3.14 -28.67
N THR A 359 -5.11 -3.68 -28.36
CA THR A 359 -5.18 -4.89 -27.55
C THR A 359 -4.57 -6.07 -28.29
N ASP A 360 -4.84 -6.18 -29.59
CA ASP A 360 -4.27 -7.28 -30.37
C ASP A 360 -2.76 -7.14 -30.49
N ALA A 361 -2.28 -5.90 -30.64
CA ALA A 361 -0.83 -5.69 -30.75
C ALA A 361 -0.13 -6.09 -29.45
N VAL A 362 -0.74 -5.78 -28.30
CA VAL A 362 -0.18 -6.21 -27.03
C VAL A 362 -0.22 -7.73 -26.92
N ALA A 363 -1.32 -8.34 -27.40
CA ALA A 363 -1.44 -9.80 -27.32
C ALA A 363 -0.38 -10.50 -28.17
N ARG A 364 -0.14 -9.99 -29.37
CA ARG A 364 0.86 -10.59 -30.24
C ARG A 364 2.28 -10.30 -29.77
N TRP A 365 2.49 -9.17 -29.11
CA TRP A 365 3.81 -8.73 -28.67
C TRP A 365 4.78 -8.71 -29.86
N ASP A 366 4.34 -8.11 -30.95
CA ASP A 366 5.07 -8.11 -32.22
C ASP A 366 5.22 -6.65 -32.68
N ILE A 367 6.45 -6.13 -32.57
CA ILE A 367 6.68 -4.72 -32.91
C ILE A 367 6.43 -4.47 -34.39
N ASN A 368 6.71 -5.45 -35.24
CA ASN A 368 6.49 -5.27 -36.68
C ASN A 368 4.99 -5.18 -36.99
N TYR A 369 4.19 -6.05 -36.37
CA TYR A 369 2.74 -5.98 -36.55
C TYR A 369 2.19 -4.67 -35.99
N ALA A 370 2.72 -4.22 -34.85
CA ALA A 370 2.21 -3.03 -34.21
C ALA A 370 2.51 -1.78 -35.03
N LEU A 371 3.74 -1.64 -35.51
CA LEU A 371 4.08 -0.50 -36.36
C LEU A 371 3.31 -0.53 -37.67
N LYS A 372 2.81 -1.69 -38.08
CA LYS A 372 2.13 -1.81 -39.36
C LYS A 372 0.65 -1.46 -39.24
N HIS A 373 0.04 -1.70 -38.08
CA HIS A 373 -1.40 -1.61 -37.95
C HIS A 373 -1.89 -0.54 -36.97
N LEU A 374 -1.03 -0.03 -36.09
CA LEU A 374 -1.50 0.91 -35.09
C LEU A 374 -1.65 2.32 -35.68
N PRO A 375 -2.60 3.10 -35.16
CA PRO A 375 -2.67 4.52 -35.53
C PRO A 375 -1.44 5.28 -35.03
N GLY A 376 -1.29 6.50 -35.52
CA GLY A 376 -0.07 7.25 -35.28
C GLY A 376 0.19 7.52 -33.81
N TYR A 377 -0.82 8.03 -33.11
CA TYR A 377 -0.63 8.40 -31.70
C TYR A 377 -0.48 7.20 -30.78
N MET A 378 -0.70 5.98 -31.29
CA MET A 378 -0.52 4.77 -30.50
C MET A 378 0.82 4.08 -30.77
N LYS A 379 1.51 4.42 -31.86
CA LYS A 379 2.75 3.75 -32.20
C LYS A 379 3.82 3.98 -31.13
N MET A 380 4.03 5.24 -30.76
CA MET A 380 5.02 5.55 -29.74
C MET A 380 4.59 5.05 -28.37
N CYS A 381 3.29 5.12 -28.07
CA CYS A 381 2.80 4.64 -26.78
C CYS A 381 3.02 3.14 -26.65
N PHE A 382 2.83 2.39 -27.75
CA PHE A 382 3.07 0.95 -27.70
C PHE A 382 4.57 0.65 -27.66
N LEU A 383 5.35 1.28 -28.53
CA LEU A 383 6.78 0.97 -28.59
C LEU A 383 7.50 1.40 -27.32
N ALA A 384 6.99 2.42 -26.62
CA ALA A 384 7.55 2.78 -25.34
C ALA A 384 7.31 1.67 -24.31
N LEU A 385 6.09 1.16 -24.24
CA LEU A 385 5.80 0.03 -23.37
C LEU A 385 6.55 -1.22 -23.82
N TYR A 386 6.64 -1.43 -25.15
CA TYR A 386 7.30 -2.62 -25.68
C TYR A 386 8.77 -2.65 -25.30
N ASN A 387 9.50 -1.57 -25.57
CA ASN A 387 10.91 -1.52 -25.23
C ASN A 387 11.12 -1.57 -23.73
N PHE A 388 10.25 -0.91 -22.96
CA PHE A 388 10.42 -0.87 -21.51
C PHE A 388 10.31 -2.26 -20.90
N VAL A 389 9.29 -3.03 -21.31
CA VAL A 389 9.11 -4.37 -20.77
C VAL A 389 10.24 -5.29 -21.22
N ASN A 390 10.70 -5.13 -22.47
CA ASN A 390 11.77 -5.99 -22.96
C ASN A 390 13.10 -5.67 -22.29
N GLU A 391 13.34 -4.38 -21.99
CA GLU A 391 14.50 -4.03 -21.18
C GLU A 391 14.35 -4.54 -19.75
N PHE A 392 13.12 -4.59 -19.25
CA PHE A 392 12.86 -5.19 -17.94
C PHE A 392 13.24 -6.66 -17.93
N ALA A 393 12.82 -7.40 -18.97
CA ALA A 393 13.17 -8.81 -19.06
C ALA A 393 14.68 -9.00 -19.23
N TYR A 394 15.34 -8.08 -19.96
CA TYR A 394 16.77 -8.19 -20.14
C TYR A 394 17.51 -8.00 -18.82
N TYR A 395 17.07 -7.05 -18.01
CA TYR A 395 17.72 -6.81 -16.72
C TYR A 395 17.63 -8.03 -15.82
N VAL A 396 16.45 -8.66 -15.74
CA VAL A 396 16.30 -9.84 -14.90
C VAL A 396 17.11 -11.00 -15.46
N LEU A 397 17.19 -11.11 -16.79
CA LEU A 397 18.00 -12.17 -17.40
C LEU A 397 19.48 -11.95 -17.11
N LYS A 398 19.95 -10.71 -17.17
CA LYS A 398 21.34 -10.42 -16.83
C LYS A 398 21.60 -10.61 -15.34
N GLN A 399 20.63 -10.22 -14.50
CA GLN A 399 20.85 -10.23 -13.07
C GLN A 399 20.92 -11.65 -12.52
N GLN A 400 19.89 -12.47 -12.81
CA GLN A 400 19.80 -13.78 -12.18
C GLN A 400 19.45 -14.89 -13.16
N ASP A 401 19.65 -14.68 -14.45
CA ASP A 401 19.47 -15.72 -15.48
C ASP A 401 18.04 -16.28 -15.51
N PHE A 402 17.06 -15.51 -15.04
CA PHE A 402 15.67 -15.92 -15.07
C PHE A 402 14.96 -15.26 -16.24
N ASP A 403 14.18 -16.05 -16.98
CA ASP A 403 13.40 -15.55 -18.10
C ASP A 403 11.96 -15.38 -17.65
N MET A 404 11.50 -14.13 -17.59
CA MET A 404 10.15 -13.80 -17.13
C MET A 404 9.37 -13.00 -18.16
N LEU A 405 9.78 -13.01 -19.43
CA LEU A 405 9.10 -12.20 -20.42
C LEU A 405 7.66 -12.67 -20.63
N LEU A 406 7.45 -13.98 -20.73
CA LEU A 406 6.10 -14.51 -20.90
C LEU A 406 5.20 -14.11 -19.73
N SER A 407 5.76 -14.09 -18.51
CA SER A 407 4.96 -13.75 -17.34
C SER A 407 4.56 -12.28 -17.36
N ILE A 408 5.54 -11.38 -17.46
CA ILE A 408 5.26 -9.95 -17.39
C ILE A 408 4.43 -9.50 -18.59
N LYS A 409 4.64 -10.11 -19.75
CA LYS A 409 3.83 -9.78 -20.91
C LYS A 409 2.40 -10.27 -20.74
N HIS A 410 2.22 -11.45 -20.13
CA HIS A 410 0.88 -11.96 -19.87
C HIS A 410 0.12 -11.05 -18.91
N ALA A 411 0.82 -10.48 -17.92
CA ALA A 411 0.15 -9.62 -16.95
C ALA A 411 -0.28 -8.30 -17.59
N TRP A 412 0.55 -7.74 -18.47
CA TRP A 412 0.17 -6.50 -19.15
C TRP A 412 -1.03 -6.73 -20.06
N LEU A 413 -1.10 -7.89 -20.73
CA LEU A 413 -2.24 -8.17 -21.59
C LEU A 413 -3.53 -8.31 -20.79
N GLY A 414 -3.44 -8.87 -19.59
CA GLY A 414 -4.62 -8.99 -18.75
C GLY A 414 -5.22 -7.63 -18.41
N LEU A 415 -4.36 -6.66 -18.09
CA LEU A 415 -4.85 -5.32 -17.81
C LEU A 415 -5.45 -4.68 -19.07
N ILE A 416 -4.78 -4.85 -20.21
CA ILE A 416 -5.24 -4.25 -21.45
C ILE A 416 -6.59 -4.83 -21.87
N GLN A 417 -6.75 -6.15 -21.70
CA GLN A 417 -8.04 -6.77 -22.03
C GLN A 417 -9.13 -6.32 -21.07
N ALA A 418 -8.79 -6.10 -19.81
CA ALA A 418 -9.76 -5.56 -18.86
C ALA A 418 -10.16 -4.14 -19.22
N TYR A 419 -9.22 -3.36 -19.77
CA TYR A 419 -9.56 -2.03 -20.27
C TYR A 419 -10.55 -2.12 -21.43
N LEU A 420 -10.37 -3.12 -22.29
CA LEU A 420 -11.24 -3.25 -23.46
C LEU A 420 -12.65 -3.64 -23.05
N VAL A 421 -12.79 -4.49 -22.03
CA VAL A 421 -14.12 -4.89 -21.56
C VAL A 421 -14.88 -3.68 -21.04
N GLU A 422 -14.20 -2.82 -20.27
CA GLU A 422 -14.83 -1.60 -19.79
C GLU A 422 -15.19 -0.67 -20.94
N ALA A 423 -14.33 -0.62 -21.97
CA ALA A 423 -14.60 0.24 -23.12
C ALA A 423 -15.81 -0.25 -23.90
N LYS A 424 -15.97 -1.58 -24.01
CA LYS A 424 -17.14 -2.12 -24.71
C LYS A 424 -18.41 -1.91 -23.90
N TRP A 425 -18.31 -2.00 -22.58
CA TRP A 425 -19.47 -1.73 -21.73
C TRP A 425 -19.93 -0.29 -21.86
N TYR A 426 -18.99 0.64 -21.99
CA TYR A 426 -19.36 2.05 -22.09
C TYR A 426 -20.06 2.35 -23.41
N HIS A 427 -19.54 1.82 -24.52
CA HIS A 427 -20.17 2.08 -25.81
C HIS A 427 -21.51 1.36 -25.95
N SER A 428 -21.65 0.19 -25.32
CA SER A 428 -22.94 -0.50 -25.30
C SER A 428 -23.91 0.09 -24.30
N LYS A 429 -23.49 1.11 -23.53
CA LYS A 429 -24.33 1.75 -22.53
C LYS A 429 -24.87 0.73 -21.53
N TYR A 430 -24.02 -0.23 -21.19
CA TYR A 430 -24.39 -1.36 -20.33
C TYR A 430 -23.96 -1.10 -18.90
N THR A 431 -24.88 -1.27 -17.95
CA THR A 431 -24.59 -1.10 -16.54
C THR A 431 -24.55 -2.47 -15.87
N PRO A 432 -23.36 -3.03 -15.64
CA PRO A 432 -23.28 -4.38 -15.08
C PRO A 432 -23.60 -4.41 -13.60
N LYS A 433 -23.92 -5.62 -13.12
CA LYS A 433 -24.04 -5.83 -11.70
C LYS A 433 -22.70 -5.58 -11.03
N LEU A 434 -22.74 -5.20 -9.74
CA LEU A 434 -21.51 -4.86 -9.04
C LEU A 434 -20.54 -6.04 -9.01
N GLU A 435 -21.06 -7.26 -8.83
CA GLU A 435 -20.19 -8.43 -8.82
C GLU A 435 -19.53 -8.65 -10.19
N GLU A 436 -20.30 -8.45 -11.27
CA GLU A 436 -19.72 -8.57 -12.61
C GLU A 436 -18.70 -7.47 -12.87
N TYR A 437 -18.96 -6.26 -12.37
CA TYR A 437 -18.02 -5.16 -12.55
C TYR A 437 -16.73 -5.41 -11.80
N LEU A 438 -16.83 -5.89 -10.55
CA LEU A 438 -15.63 -6.09 -9.72
C LEU A 438 -14.76 -7.21 -10.26
N GLU A 439 -15.35 -8.20 -10.94
CA GLU A 439 -14.55 -9.27 -11.53
C GLU A 439 -13.59 -8.71 -12.58
N ASN A 440 -14.09 -7.84 -13.47
CA ASN A 440 -13.21 -7.18 -14.41
C ASN A 440 -12.47 -6.01 -13.76
N GLY A 441 -13.12 -5.35 -12.80
CA GLY A 441 -12.53 -4.19 -12.15
C GLY A 441 -11.33 -4.49 -11.30
N LEU A 442 -11.23 -5.71 -10.76
CA LEU A 442 -10.06 -6.05 -9.96
C LEU A 442 -8.81 -6.20 -10.81
N VAL A 443 -8.98 -6.52 -12.10
CA VAL A 443 -7.83 -6.57 -13.01
C VAL A 443 -7.53 -5.20 -13.57
N SER A 444 -8.58 -4.43 -13.90
CA SER A 444 -8.38 -3.12 -14.51
C SER A 444 -7.75 -2.12 -13.54
N ILE A 445 -7.82 -2.39 -12.24
CA ILE A 445 -7.20 -1.52 -11.24
C ILE A 445 -5.70 -1.73 -11.13
N THR A 446 -5.14 -2.67 -11.91
CA THR A 446 -3.72 -3.02 -12.07
C THR A 446 -3.17 -3.82 -10.90
N GLY A 447 -4.01 -4.24 -9.95
CA GLY A 447 -3.59 -5.07 -8.84
C GLY A 447 -2.79 -6.30 -9.24
N PRO A 448 -3.35 -7.14 -10.12
CA PRO A 448 -2.59 -8.31 -10.59
C PRO A 448 -1.30 -7.94 -11.31
N LEU A 449 -1.30 -6.86 -12.10
CA LEU A 449 -0.09 -6.47 -12.83
C LEU A 449 0.96 -5.91 -11.88
N ILE A 450 0.54 -5.07 -10.92
CA ILE A 450 1.50 -4.41 -10.04
C ILE A 450 2.21 -5.43 -9.16
N ILE A 451 1.49 -6.43 -8.65
CA ILE A 451 2.14 -7.43 -7.81
C ILE A 451 3.08 -8.30 -8.64
N THR A 452 2.76 -8.53 -9.92
CA THR A 452 3.69 -9.23 -10.80
C THR A 452 4.95 -8.42 -11.03
N ILE A 453 4.78 -7.12 -11.27
CA ILE A 453 5.93 -6.23 -11.46
C ILE A 453 6.75 -6.15 -10.18
N SER A 454 6.07 -6.05 -9.03
CA SER A 454 6.78 -5.90 -7.76
C SER A 454 7.58 -7.14 -7.42
N TYR A 455 7.05 -8.33 -7.75
CA TYR A 455 7.77 -9.56 -7.44
C TYR A 455 8.96 -9.76 -8.38
N LEU A 456 8.78 -9.49 -9.66
CA LEU A 456 9.84 -9.74 -10.63
C LEU A 456 10.97 -8.72 -10.49
N SER A 457 10.65 -7.50 -10.04
CA SER A 457 11.66 -6.46 -9.89
C SER A 457 12.17 -6.31 -8.47
N GLY A 458 11.58 -7.01 -7.51
CA GLY A 458 11.97 -6.84 -6.12
C GLY A 458 12.41 -8.10 -5.41
N THR A 459 12.50 -9.21 -6.14
CA THR A 459 12.88 -10.49 -5.57
C THR A 459 14.11 -11.03 -6.29
N ASN A 460 15.09 -11.49 -5.52
CA ASN A 460 16.29 -12.11 -6.06
C ASN A 460 16.82 -13.11 -5.03
N PRO A 461 16.79 -14.42 -5.31
CA PRO A 461 16.37 -15.01 -6.58
C PRO A 461 14.86 -15.17 -6.75
N ILE A 462 14.39 -15.09 -7.99
CA ILE A 462 12.99 -15.35 -8.30
C ILE A 462 12.72 -16.84 -8.17
N ILE A 463 11.67 -17.19 -7.42
CA ILE A 463 11.26 -18.58 -7.24
C ILE A 463 10.18 -18.90 -8.27
N LYS A 464 10.40 -19.97 -9.04
CA LYS A 464 9.47 -20.32 -10.11
C LYS A 464 8.09 -20.69 -9.57
N LYS A 465 8.05 -21.47 -8.49
CA LYS A 465 6.76 -21.87 -7.92
C LYS A 465 6.03 -20.66 -7.33
N GLU A 466 6.77 -19.72 -6.75
CA GLU A 466 6.13 -18.53 -6.20
C GLU A 466 5.56 -17.64 -7.30
N LEU A 467 6.26 -17.55 -8.43
CA LEU A 467 5.74 -16.78 -9.56
C LEU A 467 4.53 -17.47 -10.18
N GLU A 468 4.55 -18.79 -10.27
CA GLU A 468 3.41 -19.52 -10.82
C GLU A 468 2.17 -19.38 -9.95
N PHE A 469 2.34 -19.22 -8.64
CA PHE A 469 1.20 -19.03 -7.75
C PHE A 469 0.52 -17.68 -8.01
N LEU A 470 1.31 -16.65 -8.30
CA LEU A 470 0.73 -15.35 -8.63
C LEU A 470 -0.02 -15.41 -9.95
N GLU A 471 0.48 -16.19 -10.91
CA GLU A 471 -0.14 -16.35 -12.21
C GLU A 471 -1.41 -17.20 -12.15
N SER A 472 -1.62 -17.95 -11.07
CA SER A 472 -2.80 -18.78 -10.93
C SER A 472 -4.02 -18.00 -10.44
N ASN A 473 -3.91 -16.68 -10.31
CA ASN A 473 -4.95 -15.82 -9.75
C ASN A 473 -5.30 -16.27 -8.34
N PRO A 474 -4.40 -16.09 -7.37
CA PRO A 474 -4.68 -16.53 -6.00
C PRO A 474 -5.72 -15.64 -5.33
N ASP A 475 -6.24 -16.14 -4.20
CA ASP A 475 -7.31 -15.43 -3.52
C ASP A 475 -6.84 -14.12 -2.92
N ILE A 476 -5.61 -14.07 -2.43
CA ILE A 476 -5.12 -12.85 -1.79
C ILE A 476 -4.98 -11.73 -2.81
N VAL A 477 -4.65 -12.05 -4.06
CA VAL A 477 -4.64 -11.04 -5.11
C VAL A 477 -6.07 -10.70 -5.52
N HIS A 478 -6.96 -11.68 -5.47
CA HIS A 478 -8.36 -11.46 -5.85
C HIS A 478 -9.02 -10.42 -4.96
N TRP A 479 -8.89 -10.57 -3.64
CA TRP A 479 -9.58 -9.68 -2.72
C TRP A 479 -8.84 -8.37 -2.51
N SER A 480 -7.50 -8.39 -2.54
CA SER A 480 -6.76 -7.14 -2.43
C SER A 480 -7.04 -6.23 -3.62
N SER A 481 -7.15 -6.81 -4.82
CA SER A 481 -7.45 -6.02 -5.99
C SER A 481 -8.87 -5.47 -5.96
N LYS A 482 -9.80 -6.20 -5.35
CA LYS A 482 -11.17 -5.69 -5.25
C LYS A 482 -11.25 -4.52 -4.29
N ILE A 483 -10.50 -4.57 -3.19
CA ILE A 483 -10.44 -3.43 -2.28
C ILE A 483 -9.81 -2.23 -3.00
N PHE A 484 -8.75 -2.49 -3.77
CA PHE A 484 -8.12 -1.45 -4.58
C PHE A 484 -9.14 -0.81 -5.52
N ARG A 485 -9.87 -1.63 -6.27
CA ARG A 485 -10.86 -1.09 -7.20
C ARG A 485 -11.96 -0.34 -6.48
N LEU A 486 -12.48 -0.91 -5.39
CA LEU A 486 -13.53 -0.23 -4.63
C LEU A 486 -13.04 1.09 -4.06
N GLN A 487 -11.81 1.12 -3.56
CA GLN A 487 -11.28 2.36 -2.98
C GLN A 487 -11.08 3.44 -4.04
N ASP A 488 -10.58 3.05 -5.21
CA ASP A 488 -10.38 4.02 -6.28
C ASP A 488 -11.71 4.56 -6.78
N ASP A 489 -12.74 3.71 -6.86
CA ASP A 489 -14.04 4.17 -7.33
C ASP A 489 -14.69 5.12 -6.33
N LEU A 490 -14.34 5.01 -5.04
CA LEU A 490 -14.84 5.95 -4.06
C LEU A 490 -14.30 7.36 -4.29
N GLY A 491 -13.16 7.49 -4.96
CA GLY A 491 -12.61 8.78 -5.29
C GLY A 491 -13.34 9.52 -6.40
N THR A 492 -14.42 8.95 -6.92
CA THR A 492 -15.19 9.62 -7.95
C THR A 492 -16.06 10.71 -7.33
N SER A 493 -16.19 11.82 -8.04
CA SER A 493 -16.97 12.94 -7.56
C SER A 493 -18.47 12.65 -7.66
N SER A 494 -19.25 13.44 -6.92
CA SER A 494 -20.71 13.31 -7.00
C SER A 494 -21.23 13.70 -8.37
N ASP A 495 -20.51 14.56 -9.09
CA ASP A 495 -20.88 14.92 -10.44
C ASP A 495 -20.61 13.77 -11.40
N VAL A 502 -18.98 6.38 -17.79
CA VAL A 502 -18.80 4.95 -17.58
C VAL A 502 -19.16 4.65 -16.11
N PRO A 503 -20.01 3.65 -15.89
CA PRO A 503 -20.42 3.36 -14.50
C PRO A 503 -19.32 2.71 -13.71
N LYS A 504 -19.23 3.08 -12.43
CA LYS A 504 -18.24 2.51 -11.52
C LYS A 504 -18.94 1.75 -10.40
N SER A 505 -18.22 1.50 -9.30
CA SER A 505 -18.78 0.73 -8.21
C SER A 505 -20.01 1.39 -7.60
N ILE A 506 -19.95 2.71 -7.43
CA ILE A 506 -21.04 3.42 -6.75
C ILE A 506 -22.31 3.38 -7.61
N GLN A 507 -22.17 3.67 -8.91
CA GLN A 507 -23.34 3.66 -9.79
C GLN A 507 -23.92 2.27 -9.93
N CYS A 508 -23.06 1.24 -10.05
CA CYS A 508 -23.55 -0.12 -10.16
C CYS A 508 -24.29 -0.54 -8.90
N TYR A 509 -23.81 -0.10 -7.73
CA TYR A 509 -24.46 -0.46 -6.47
C TYR A 509 -25.79 0.29 -6.31
N MET A 510 -25.83 1.56 -6.69
CA MET A 510 -27.08 2.31 -6.64
C MET A 510 -28.11 1.73 -7.59
N HIS A 511 -27.69 1.42 -8.82
CA HIS A 511 -28.60 0.84 -9.81
C HIS A 511 -29.09 -0.53 -9.36
N GLU A 512 -28.34 -1.21 -8.50
CA GLU A 512 -28.68 -2.57 -8.07
C GLU A 512 -29.49 -2.61 -6.79
N THR A 513 -29.38 -1.59 -5.94
CA THR A 513 -30.08 -1.57 -4.67
C THR A 513 -31.04 -0.41 -4.49
N GLY A 514 -30.98 0.61 -5.35
CA GLY A 514 -31.80 1.80 -5.17
C GLY A 514 -31.33 2.73 -4.08
N ALA A 515 -30.23 2.41 -3.40
CA ALA A 515 -29.71 3.26 -2.34
C ALA A 515 -29.21 4.59 -2.91
N SER A 516 -29.23 5.62 -2.08
CA SER A 516 -28.68 6.90 -2.48
C SER A 516 -27.17 6.80 -2.65
N GLU A 517 -26.59 7.85 -3.24
CA GLU A 517 -25.14 7.89 -3.42
C GLU A 517 -24.42 7.87 -2.08
N GLU A 518 -24.94 8.59 -1.09
CA GLU A 518 -24.28 8.64 0.22
C GLU A 518 -24.30 7.27 0.89
N VAL A 519 -25.45 6.60 0.88
CA VAL A 519 -25.55 5.27 1.49
C VAL A 519 -24.67 4.28 0.73
N ALA A 520 -24.65 4.38 -0.60
CA ALA A 520 -23.82 3.48 -1.39
C ALA A 520 -22.34 3.63 -1.04
N ARG A 521 -21.90 4.87 -0.82
CA ARG A 521 -20.52 5.09 -0.40
C ARG A 521 -20.24 4.43 0.95
N GLU A 522 -21.22 4.47 1.87
CA GLU A 522 -21.03 3.86 3.17
C GLU A 522 -20.96 2.34 3.07
N HIS A 523 -21.85 1.74 2.28
CA HIS A 523 -21.83 0.29 2.13
C HIS A 523 -20.56 -0.18 1.43
N ILE A 524 -20.07 0.60 0.46
CA ILE A 524 -18.83 0.24 -0.21
C ILE A 524 -17.65 0.37 0.75
N LYS A 525 -17.63 1.41 1.57
CA LYS A 525 -16.60 1.53 2.58
C LYS A 525 -16.63 0.36 3.56
N ASP A 526 -17.81 -0.20 3.81
CA ASP A 526 -17.90 -1.35 4.70
C ASP A 526 -17.47 -2.63 3.98
N MET A 527 -17.70 -2.70 2.66
CA MET A 527 -17.24 -3.86 1.91
C MET A 527 -15.73 -4.00 2.00
N MET A 528 -15.01 -2.89 1.87
CA MET A 528 -13.55 -2.94 1.95
C MET A 528 -13.08 -3.49 3.28
N ARG A 529 -13.72 -3.06 4.37
CA ARG A 529 -13.33 -3.55 5.69
C ARG A 529 -13.63 -5.03 5.84
N GLN A 530 -14.70 -5.51 5.22
CA GLN A 530 -15.01 -6.93 5.27
C GLN A 530 -14.04 -7.74 4.41
N MET A 531 -13.64 -7.20 3.26
CA MET A 531 -12.69 -7.89 2.40
C MET A 531 -11.30 -7.93 3.02
N TRP A 532 -10.96 -6.94 3.85
CA TRP A 532 -9.69 -6.98 4.56
C TRP A 532 -9.64 -8.15 5.54
N LYS A 533 -10.79 -8.58 6.04
CA LYS A 533 -10.83 -9.78 6.88
C LYS A 533 -10.40 -11.01 6.09
N LYS A 534 -10.86 -11.12 4.85
CA LYS A 534 -10.43 -12.22 3.99
C LYS A 534 -8.92 -12.15 3.74
N VAL A 535 -8.40 -10.95 3.50
CA VAL A 535 -6.98 -10.80 3.24
C VAL A 535 -6.17 -11.12 4.49
N ASN A 536 -6.69 -10.80 5.67
CA ASN A 536 -5.99 -11.12 6.91
C ASN A 536 -5.82 -12.62 7.08
N ALA A 537 -6.74 -13.42 6.54
CA ALA A 537 -6.60 -14.86 6.62
C ALA A 537 -5.53 -15.37 5.67
N TYR A 538 -5.57 -14.92 4.41
CA TYR A 538 -4.59 -15.38 3.43
C TYR A 538 -3.19 -14.90 3.76
N THR A 539 -3.07 -13.83 4.56
CA THR A 539 -1.75 -13.36 4.98
C THR A 539 -1.19 -14.18 6.14
N ALA A 540 -2.05 -14.71 7.02
CA ALA A 540 -1.57 -15.52 8.14
C ALA A 540 -1.29 -16.96 7.75
N ASP A 541 -1.70 -17.40 6.57
CA ASP A 541 -1.49 -18.78 6.15
C ASP A 541 -0.01 -19.00 5.81
N LYS A 542 0.69 -19.74 6.65
CA LYS A 542 2.11 -20.01 6.45
C LYS A 542 2.36 -21.04 5.36
N ASP A 543 1.32 -21.54 4.69
CA ASP A 543 1.46 -22.59 3.70
C ASP A 543 1.26 -22.10 2.26
N SER A 544 1.25 -20.77 2.05
CA SER A 544 1.14 -20.39 0.64
C SER A 544 2.52 -20.22 0.03
N PRO A 545 2.65 -20.37 -1.29
CA PRO A 545 3.95 -20.14 -1.93
C PRO A 545 4.46 -18.71 -1.79
N LEU A 546 3.59 -17.76 -1.48
CA LEU A 546 4.01 -16.37 -1.34
C LEU A 546 4.69 -16.15 0.00
N THR A 547 5.89 -15.60 -0.04
CA THR A 547 6.59 -15.26 1.19
C THR A 547 5.93 -14.05 1.85
N ARG A 548 6.36 -13.75 3.06
CA ARG A 548 5.80 -12.62 3.79
C ARG A 548 6.21 -11.29 3.14
N THR A 549 7.41 -11.26 2.56
CA THR A 549 7.86 -10.05 1.88
C THR A 549 7.05 -9.79 0.62
N THR A 550 6.73 -10.85 -0.13
CA THR A 550 5.94 -10.69 -1.35
C THR A 550 4.53 -10.20 -1.05
N ALA A 551 3.92 -10.70 0.02
CA ALA A 551 2.56 -10.28 0.36
C ALA A 551 2.52 -8.83 0.82
N GLU A 552 3.63 -8.32 1.37
CA GLU A 552 3.65 -6.93 1.81
C GLU A 552 3.57 -5.97 0.62
N PHE A 553 4.17 -6.36 -0.51
CA PHE A 553 4.00 -5.59 -1.74
C PHE A 553 2.52 -5.43 -2.09
N LEU A 554 1.76 -6.52 -1.99
CA LEU A 554 0.35 -6.48 -2.35
C LEU A 554 -0.44 -5.65 -1.35
N LEU A 555 -0.15 -5.78 -0.06
CA LEU A 555 -0.88 -5.03 0.95
C LEU A 555 -0.55 -3.55 0.88
N ASN A 556 0.73 -3.22 0.69
CA ASN A 556 1.13 -1.82 0.63
C ASN A 556 0.49 -1.11 -0.55
N LEU A 557 0.28 -1.82 -1.67
CA LEU A 557 -0.44 -1.24 -2.80
C LEU A 557 -1.85 -0.86 -2.40
N VAL A 558 -2.55 -1.75 -1.72
CA VAL A 558 -3.90 -1.45 -1.25
C VAL A 558 -3.87 -0.33 -0.22
N ARG A 559 -2.86 -0.34 0.66
CA ARG A 559 -2.73 0.71 1.66
C ARG A 559 -2.52 2.06 1.01
N MET A 560 -1.79 2.10 -0.12
CA MET A 560 -1.59 3.36 -0.81
C MET A 560 -2.88 3.89 -1.40
N SER A 561 -3.77 2.99 -1.83
CA SER A 561 -5.07 3.44 -2.33
C SER A 561 -5.90 4.07 -1.22
N HIS A 562 -5.83 3.50 -0.01
CA HIS A 562 -6.47 4.12 1.14
C HIS A 562 -5.87 5.48 1.44
N PHE A 563 -4.55 5.60 1.30
CA PHE A 563 -3.89 6.87 1.61
C PHE A 563 -4.17 7.91 0.54
N MET A 564 -4.20 7.50 -0.73
CA MET A 564 -4.42 8.46 -1.80
C MET A 564 -5.86 8.98 -1.82
N TYR A 565 -6.82 8.18 -1.34
CA TYR A 565 -8.19 8.65 -1.28
C TYR A 565 -8.35 9.80 -0.29
N LEU A 566 -7.55 9.82 0.77
CA LEU A 566 -7.60 10.90 1.74
C LEU A 566 -6.90 12.16 1.24
N HIS A 567 -5.87 12.02 0.42
CA HIS A 567 -5.06 13.15 -0.05
C HIS A 567 -5.14 13.22 -1.58
N GLY A 568 -6.30 13.58 -2.09
CA GLY A 568 -6.49 13.70 -3.53
C GLY A 568 -7.10 15.02 -3.94
N ASP A 580 0.15 19.71 -0.17
CA ASP A 580 0.53 18.52 -0.93
C ASP A 580 1.35 17.57 -0.07
N VAL A 581 0.72 16.48 0.40
CA VAL A 581 1.40 15.54 1.27
C VAL A 581 2.49 14.79 0.51
N GLY A 582 2.34 14.66 -0.81
CA GLY A 582 3.39 14.06 -1.60
C GLY A 582 4.67 14.89 -1.60
N PHE A 583 4.52 16.21 -1.64
CA PHE A 583 5.67 17.09 -1.57
C PHE A 583 6.35 17.01 -0.22
N THR A 584 5.55 16.95 0.86
CA THR A 584 6.11 16.88 2.20
C THR A 584 6.69 15.51 2.52
N LEU A 585 6.47 14.51 1.67
CA LEU A 585 7.03 13.17 1.88
C LEU A 585 8.38 13.00 1.19
N LEU A 586 8.56 13.61 0.02
CA LEU A 586 9.74 13.40 -0.82
C LEU A 586 10.75 14.53 -0.74
N PHE A 587 10.30 15.79 -0.68
CA PHE A 587 11.17 16.93 -0.88
C PHE A 587 11.34 17.83 0.34
N GLN A 588 10.60 17.60 1.42
CA GLN A 588 10.66 18.49 2.59
C GLN A 588 11.31 17.76 3.76
N PRO A 589 12.52 18.14 4.16
CA PRO A 589 13.21 17.38 5.22
C PRO A 589 12.64 17.69 6.58
N ILE A 590 13.01 16.84 7.54
CA ILE A 590 12.69 17.08 8.94
C ILE A 590 13.80 17.94 9.51
N PRO A 591 13.50 19.13 10.02
CA PRO A 591 14.55 19.97 10.62
C PRO A 591 15.17 19.28 11.84
N LEU A 592 16.47 19.00 11.74
CA LEU A 592 17.18 18.30 12.79
C LEU A 592 17.76 19.30 13.79
MN MN B . -9.33 6.17 -15.99
MN MN C . -10.09 3.22 -16.99
MN MN D . -10.88 5.58 -11.19
C1 0FV E . -5.57 4.90 -12.61
O1 0FV E . -6.39 5.99 -13.01
C2 0FV E . -4.35 5.44 -11.91
F2 0FV E . -3.38 6.00 -12.62
C3 0FV E . -4.27 5.35 -10.58
C4 0FV E . -5.39 4.71 -9.81
C5 0FV E . -3.07 5.89 -9.83
C6 0FV E . -1.80 5.14 -10.21
C7 0FV E . -1.62 3.88 -9.40
C8 0FV E . -1.65 2.67 -9.98
C9 0FV E . -1.47 1.44 -9.15
C10 0FV E . -1.86 2.56 -11.47
PA 0FV E . -7.99 5.79 -13.06
O1A 0FV E . -8.57 6.59 -14.19
O2A 0FV E . -8.58 6.22 -11.74
O3A 0FV E . -8.27 4.21 -13.29
PB 0FV E . -9.70 3.69 -13.81
O1B 0FV E . -9.98 4.31 -15.16
O2B 0FV E . -9.63 2.18 -13.94
O3B 0FV E . -10.76 4.08 -12.82
#